data_6XZO
#
_entry.id   6XZO
#
_cell.length_a   62.072
_cell.length_b   70.888
_cell.length_c   121.506
_cell.angle_alpha   90.000
_cell.angle_beta   90.000
_cell.angle_gamma   90.000
#
_symmetry.space_group_name_H-M   'P 21 21 21'
#
loop_
_entity.id
_entity.type
_entity.pdbx_description
1 polymer 'Carbonic anhydrase 1'
2 non-polymer 'ZINC ION'
3 non-polymer 1-[2-[(4-bromanyl-2-oxidanyl-phenyl)methylamino]ethyl]-3-(4-sulfamoylphenyl)urea
4 water water
#
_entity_poly.entity_id   1
_entity_poly.type   'polypeptide(L)'
_entity_poly.pdbx_seq_one_letter_code
;MASPDWGYDDKNGPEQWSKLYPIANGNNQSPVDIKTSETKHDTSLKPISVSYNPATAKEIINVGHSFHVNFEDNDNRSVL
KGGPFSDSYRLFQFHFHWGSTNEHGSEHTVDGVKYSAELHVAHWNSAKYSSLAEAASKADGLAVIGVLMKVGEANPKLQK
VLDALQAIKTKGKRAPFTNFDPSTLLPSSLDFWTYPGSLTHPPLYESVTWIICKESISVSSEQLAQFRSLLSNVEGDNAV
PMQHNNRPTQPLKGRTVRASF
;
_entity_poly.pdbx_strand_id   A,B
#
loop_
_chem_comp.id
_chem_comp.type
_chem_comp.name
_chem_comp.formula
O55 non-polymer 1-[2-[(4-bromanyl-2-oxidanyl-phenyl)methylamino]ethyl]-3-(4-sulfamoylphenyl)urea 'C16 H19 Br N4 O4 S'
ZN non-polymer 'ZINC ION' 'Zn 2'
#
# COMPACT_ATOMS: atom_id res chain seq x y z
N ASP A 5 15.06 18.53 8.56
CA ASP A 5 13.95 18.48 7.62
C ASP A 5 12.63 18.28 8.34
N TRP A 6 11.58 18.93 7.86
CA TRP A 6 10.25 18.85 8.48
C TRP A 6 9.45 17.70 7.89
N GLY A 7 8.45 17.28 8.63
CA GLY A 7 7.56 16.21 8.19
C GLY A 7 6.30 16.19 9.01
N TYR A 8 5.77 14.97 9.20
CA TYR A 8 4.55 14.77 9.96
C TYR A 8 4.71 13.78 11.11
N ASP A 9 5.93 13.29 11.37
CA ASP A 9 6.10 12.37 12.49
C ASP A 9 6.16 13.14 13.80
N ASP A 10 6.36 12.42 14.91
CA ASP A 10 6.34 13.09 16.22
C ASP A 10 7.51 14.06 16.38
N LYS A 11 8.67 13.76 15.80
CA LYS A 11 9.83 14.61 16.05
C LYS A 11 9.89 15.82 15.12
N ASN A 12 9.42 15.70 13.88
CA ASN A 12 9.53 16.78 12.91
C ASN A 12 8.19 17.33 12.46
N GLY A 13 7.10 16.96 13.15
CA GLY A 13 5.77 17.24 12.66
C GLY A 13 5.21 18.59 13.04
N PRO A 14 3.90 18.77 12.80
CA PRO A 14 3.27 20.09 12.97
C PRO A 14 3.51 20.77 14.31
N GLU A 15 3.55 20.03 15.41
CA GLU A 15 3.75 20.69 16.70
C GLU A 15 5.18 21.20 16.88
N GLN A 16 6.12 20.78 16.04
CA GLN A 16 7.51 21.22 16.14
C GLN A 16 7.90 22.21 15.05
N TRP A 17 7.01 22.47 14.08
CA TRP A 17 7.37 23.33 12.97
C TRP A 17 7.77 24.73 13.42
N SER A 18 7.24 25.18 14.56
CA SER A 18 7.48 26.54 15.02
C SER A 18 8.95 26.80 15.34
N LYS A 19 9.73 25.76 15.64
CA LYS A 19 11.13 25.95 15.98
C LYS A 19 11.93 26.52 14.81
N LEU A 20 11.73 25.97 13.61
CA LEU A 20 12.37 26.50 12.42
C LEU A 20 11.52 27.54 11.69
N TYR A 21 10.19 27.51 11.87
CA TYR A 21 9.27 28.38 11.15
C TYR A 21 8.36 29.06 12.16
N PRO A 22 8.83 30.13 12.80
CA PRO A 22 8.01 30.80 13.84
C PRO A 22 6.66 31.30 13.36
N ILE A 23 6.47 31.52 12.05
CA ILE A 23 5.17 31.90 11.52
C ILE A 23 4.10 30.85 11.83
N ALA A 24 4.51 29.63 12.18
CA ALA A 24 3.55 28.59 12.54
C ALA A 24 2.60 29.03 13.63
N ASN A 25 3.04 29.96 14.49
CA ASN A 25 2.21 30.51 15.55
C ASN A 25 1.63 31.87 15.17
N GLY A 26 1.53 32.17 13.88
CA GLY A 26 1.07 33.46 13.42
C GLY A 26 -0.42 33.66 13.55
N ASN A 27 -0.87 34.80 13.02
CA ASN A 27 -2.26 35.21 13.11
C ASN A 27 -3.09 34.83 11.89
N ASN A 28 -2.47 34.28 10.85
CA ASN A 28 -3.21 33.91 9.64
C ASN A 28 -2.87 32.50 9.21
N GLN A 29 -2.82 31.57 10.16
CA GLN A 29 -2.43 30.20 9.87
C GLN A 29 -3.59 29.33 9.41
N SER A 30 -3.27 28.32 8.61
CA SER A 30 -4.23 27.37 8.05
C SER A 30 -3.78 25.95 8.34
N PRO A 31 -4.73 24.98 8.38
CA PRO A 31 -6.17 25.16 8.15
C PRO A 31 -6.88 25.64 9.40
N VAL A 32 -8.20 25.79 9.31
CA VAL A 32 -9.02 26.25 10.43
C VAL A 32 -10.27 25.38 10.47
N ASP A 33 -10.93 25.40 11.62
CA ASP A 33 -12.28 24.89 11.76
C ASP A 33 -13.25 26.00 11.39
N ILE A 34 -14.14 25.71 10.43
CA ILE A 34 -15.16 26.66 10.00
C ILE A 34 -16.40 26.44 10.84
N LYS A 35 -16.69 27.38 11.73
CA LYS A 35 -17.90 27.35 12.54
C LYS A 35 -18.99 28.10 11.80
N THR A 36 -20.03 27.38 11.34
CA THR A 36 -20.97 27.98 10.40
C THR A 36 -21.90 29.00 11.06
N SER A 37 -22.10 28.92 12.38
CA SER A 37 -22.85 29.97 13.07
C SER A 37 -22.09 31.28 13.14
N GLU A 38 -20.78 31.26 12.87
CA GLU A 38 -19.97 32.47 12.93
C GLU A 38 -19.51 32.97 11.57
N THR A 39 -19.90 32.32 10.47
CA THR A 39 -19.52 32.80 9.15
C THR A 39 -20.37 34.01 8.78
N LYS A 40 -19.82 34.85 7.90
CA LYS A 40 -20.51 36.06 7.45
C LYS A 40 -20.81 35.94 5.96
N HIS A 41 -22.10 35.91 5.62
CA HIS A 41 -22.47 35.94 4.21
C HIS A 41 -22.10 37.30 3.63
N ASP A 42 -21.40 37.29 2.50
CA ASP A 42 -20.94 38.50 1.83
C ASP A 42 -21.57 38.52 0.45
N THR A 43 -22.52 39.44 0.24
CA THR A 43 -23.20 39.55 -1.05
C THR A 43 -22.27 40.03 -2.16
N SER A 44 -21.11 40.59 -1.81
CA SER A 44 -20.16 41.05 -2.82
C SER A 44 -19.31 39.93 -3.40
N LEU A 45 -19.33 38.74 -2.81
CA LEU A 45 -18.58 37.63 -3.37
C LEU A 45 -19.23 37.17 -4.67
N LYS A 46 -18.44 37.10 -5.73
CA LYS A 46 -18.91 36.60 -7.00
C LYS A 46 -18.76 35.10 -7.06
N PRO A 47 -19.44 34.43 -8.00
CA PRO A 47 -19.22 33.00 -8.17
C PRO A 47 -17.76 32.74 -8.53
N ILE A 48 -17.29 31.56 -8.16
CA ILE A 48 -15.97 31.10 -8.55
C ILE A 48 -16.01 30.64 -10.00
N SER A 49 -15.03 31.06 -10.79
CA SER A 49 -14.93 30.64 -12.19
C SER A 49 -13.56 29.99 -12.39
N VAL A 50 -13.57 28.71 -12.74
CA VAL A 50 -12.35 28.01 -13.14
C VAL A 50 -12.43 27.64 -14.62
N SER A 51 -11.32 27.85 -15.33
CA SER A 51 -11.20 27.48 -16.74
C SER A 51 -9.79 26.92 -16.90
N TYR A 52 -9.68 25.60 -16.97
CA TYR A 52 -8.39 24.94 -17.05
C TYR A 52 -8.25 24.24 -18.39
N ASN A 53 -7.05 24.32 -18.96
CA ASN A 53 -6.75 23.65 -20.21
C ASN A 53 -6.06 22.34 -19.90
N PRO A 54 -6.59 21.18 -20.34
CA PRO A 54 -5.92 19.91 -19.99
C PRO A 54 -4.50 19.82 -20.51
N ALA A 55 -4.14 20.58 -21.53
CA ALA A 55 -2.78 20.54 -22.06
C ALA A 55 -1.76 21.16 -21.12
N THR A 56 -2.19 21.85 -20.06
CA THR A 56 -1.23 22.39 -19.09
C THR A 56 -0.74 21.35 -18.09
N ALA A 57 -1.40 20.20 -17.97
CA ALA A 57 -0.92 19.17 -17.07
C ALA A 57 0.48 18.73 -17.49
N LYS A 58 1.38 18.59 -16.50
CA LYS A 58 2.79 18.35 -16.78
C LYS A 58 3.33 17.05 -16.17
N GLU A 59 3.30 16.92 -14.85
CA GLU A 59 4.13 15.91 -14.20
C GLU A 59 3.55 15.60 -12.83
N ILE A 60 3.75 14.36 -12.38
CA ILE A 60 3.40 13.93 -11.04
C ILE A 60 4.68 13.52 -10.32
N ILE A 61 4.82 13.96 -9.07
CA ILE A 61 6.08 13.83 -8.33
C ILE A 61 5.80 13.33 -6.93
N ASN A 62 6.57 12.35 -6.48
CA ASN A 62 6.56 11.94 -5.08
C ASN A 62 7.52 12.86 -4.34
N VAL A 63 6.98 13.72 -3.48
CA VAL A 63 7.77 14.69 -2.75
C VAL A 63 8.06 14.23 -1.31
N GLY A 64 7.91 12.94 -1.03
CA GLY A 64 8.27 12.42 0.27
C GLY A 64 7.16 12.43 1.28
N HIS A 65 6.60 13.60 1.55
CA HIS A 65 5.47 13.71 2.47
C HIS A 65 4.12 13.68 1.75
N SER A 66 4.13 13.77 0.43
CA SER A 66 2.91 13.82 -0.37
C SER A 66 3.30 13.53 -1.81
N PHE A 67 2.34 13.73 -2.72
CA PHE A 67 2.64 13.77 -4.15
C PHE A 67 1.93 14.97 -4.73
N HIS A 68 2.53 15.53 -5.78
CA HIS A 68 2.08 16.75 -6.41
C HIS A 68 1.86 16.50 -7.89
N VAL A 69 0.78 17.06 -8.42
CA VAL A 69 0.54 17.10 -9.85
C VAL A 69 0.75 18.54 -10.31
N ASN A 70 1.77 18.76 -11.11
CA ASN A 70 2.14 20.11 -11.50
C ASN A 70 1.68 20.45 -12.92
N PHE A 71 1.50 21.75 -13.15
CA PHE A 71 0.96 22.26 -14.41
C PHE A 71 1.90 23.31 -14.97
N GLU A 72 2.01 23.35 -16.29
CA GLU A 72 2.70 24.43 -16.96
C GLU A 72 2.02 25.74 -16.60
N ASP A 73 2.80 26.74 -16.21
CA ASP A 73 2.25 28.01 -15.72
C ASP A 73 2.91 29.21 -16.40
N ASN A 74 3.24 29.07 -17.68
CA ASN A 74 3.85 30.14 -18.45
C ASN A 74 2.85 31.12 -19.04
N ASP A 75 1.56 30.77 -19.09
CA ASP A 75 0.55 31.68 -19.61
C ASP A 75 -0.76 31.45 -18.87
N ASN A 76 -1.83 32.10 -19.34
CA ASN A 76 -3.13 32.04 -18.66
C ASN A 76 -4.05 31.00 -19.27
N ARG A 77 -3.52 29.88 -19.74
CA ARG A 77 -4.38 28.83 -20.27
C ARG A 77 -5.29 28.24 -19.19
N SER A 78 -4.83 28.22 -17.93
CA SER A 78 -5.56 27.60 -16.83
C SER A 78 -5.64 28.60 -15.69
N VAL A 79 -6.84 29.13 -15.43
CA VAL A 79 -6.99 30.25 -14.50
C VAL A 79 -8.20 30.09 -13.61
N LEU A 80 -8.12 30.70 -12.43
CA LEU A 80 -9.23 30.86 -11.49
C LEU A 80 -9.55 32.35 -11.39
N LYS A 81 -10.83 32.69 -11.49
CA LYS A 81 -11.29 34.07 -11.39
C LYS A 81 -12.54 34.09 -10.52
N GLY A 82 -12.99 35.29 -10.18
CA GLY A 82 -14.23 35.43 -9.43
C GLY A 82 -14.06 35.31 -7.94
N GLY A 83 -15.12 34.90 -7.25
CA GLY A 83 -15.08 34.80 -5.81
C GLY A 83 -14.74 36.14 -5.19
N PRO A 84 -13.73 36.16 -4.31
CA PRO A 84 -13.29 37.42 -3.70
C PRO A 84 -12.27 38.19 -4.50
N PHE A 85 -11.84 37.66 -5.65
CA PHE A 85 -10.67 38.16 -6.36
C PHE A 85 -11.06 39.13 -7.45
N SER A 86 -10.26 40.18 -7.59
CA SER A 86 -10.31 40.99 -8.80
C SER A 86 -9.23 40.59 -9.79
N ASP A 87 -8.18 39.92 -9.33
CA ASP A 87 -7.09 39.45 -10.18
C ASP A 87 -7.37 38.03 -10.66
N SER A 88 -6.75 37.67 -11.78
CA SER A 88 -6.77 36.31 -12.28
C SER A 88 -5.61 35.54 -11.64
N TYR A 89 -5.88 34.30 -11.23
CA TYR A 89 -4.89 33.44 -10.60
C TYR A 89 -4.62 32.21 -11.47
N ARG A 90 -3.34 31.89 -11.64
CA ARG A 90 -2.91 30.89 -12.60
C ARG A 90 -2.68 29.55 -11.89
N LEU A 91 -3.32 28.50 -12.40
CA LEU A 91 -3.15 27.17 -11.83
C LEU A 91 -1.70 26.73 -11.89
N PHE A 92 -1.21 26.12 -10.82
CA PHE A 92 0.11 25.50 -10.88
C PHE A 92 0.22 24.09 -10.33
N GLN A 93 -0.72 23.65 -9.50
CA GLN A 93 -0.58 22.33 -8.89
C GLN A 93 -1.88 21.94 -8.23
N PHE A 94 -2.13 20.63 -8.17
CA PHE A 94 -3.05 20.09 -7.18
C PHE A 94 -2.39 18.95 -6.43
N HIS A 95 -2.90 18.69 -5.22
CA HIS A 95 -2.42 17.63 -4.36
C HIS A 95 -3.49 17.34 -3.32
N PHE A 96 -3.22 16.33 -2.49
CA PHE A 96 -4.19 15.91 -1.49
C PHE A 96 -3.51 15.86 -0.13
N HIS A 97 -4.35 15.86 0.91
CA HIS A 97 -3.96 15.49 2.26
C HIS A 97 -4.88 14.39 2.75
N TRP A 98 -4.34 13.53 3.60
CA TRP A 98 -5.08 12.39 4.13
C TRP A 98 -4.56 12.05 5.51
N GLY A 99 -5.29 11.19 6.20
CA GLY A 99 -4.95 10.78 7.56
C GLY A 99 -4.67 9.29 7.66
N SER A 100 -4.37 8.87 8.90
CA SER A 100 -3.95 7.51 9.19
C SER A 100 -5.08 6.50 8.99
N THR A 101 -6.30 6.92 9.31
CA THR A 101 -7.49 6.10 9.11
C THR A 101 -8.57 7.00 8.52
N ASN A 102 -9.74 6.41 8.25
CA ASN A 102 -10.82 7.15 7.62
C ASN A 102 -11.39 8.27 8.50
N GLU A 103 -11.19 8.20 9.83
CA GLU A 103 -11.90 9.12 10.71
C GLU A 103 -11.33 10.53 10.70
N HIS A 104 -10.14 10.71 10.15
CA HIS A 104 -9.59 12.04 10.02
C HIS A 104 -8.80 12.04 8.72
N GLY A 105 -8.32 13.20 8.35
CA GLY A 105 -7.48 13.27 7.17
C GLY A 105 -7.61 14.58 6.44
N SER A 106 -8.78 15.21 6.53
CA SER A 106 -8.88 16.54 5.95
C SER A 106 -8.06 17.52 6.78
N GLU A 107 -7.80 18.69 6.21
CA GLU A 107 -7.12 19.74 6.96
C GLU A 107 -8.12 20.70 7.56
N HIS A 108 -8.94 21.32 6.71
CA HIS A 108 -10.06 22.08 7.22
C HIS A 108 -11.10 21.13 7.81
N THR A 109 -11.80 21.64 8.82
CA THR A 109 -12.95 20.96 9.39
C THR A 109 -14.13 21.93 9.35
N VAL A 110 -15.35 21.39 9.39
CA VAL A 110 -16.56 22.21 9.36
C VAL A 110 -17.39 21.84 10.58
N ASP A 111 -17.60 22.81 11.47
CA ASP A 111 -18.34 22.59 12.71
C ASP A 111 -17.75 21.42 13.49
N GLY A 112 -16.42 21.33 13.51
CA GLY A 112 -15.73 20.29 14.22
C GLY A 112 -15.64 18.96 13.50
N VAL A 113 -16.29 18.80 12.36
CA VAL A 113 -16.32 17.52 11.67
C VAL A 113 -15.08 17.35 10.80
N LYS A 114 -14.37 16.25 11.03
CA LYS A 114 -13.20 15.88 10.25
C LYS A 114 -13.61 14.96 9.11
N TYR A 115 -13.15 15.26 7.90
CA TYR A 115 -13.36 14.40 6.76
C TYR A 115 -12.13 13.53 6.54
N SER A 116 -12.18 12.66 5.51
CA SER A 116 -11.17 11.63 5.33
C SER A 116 -9.96 12.10 4.55
N ALA A 117 -10.12 13.15 3.74
CA ALA A 117 -9.03 13.66 2.92
C ALA A 117 -9.44 15.04 2.45
N GLU A 118 -8.54 15.71 1.76
CA GLU A 118 -8.83 17.05 1.26
C GLU A 118 -8.01 17.28 0.00
N LEU A 119 -8.65 17.82 -1.02
CA LEU A 119 -8.02 18.19 -2.28
C LEU A 119 -7.69 19.67 -2.23
N HIS A 120 -6.47 20.03 -2.66
CA HIS A 120 -6.03 21.42 -2.77
C HIS A 120 -5.66 21.70 -4.22
N VAL A 121 -6.29 22.71 -4.80
CA VAL A 121 -5.96 23.16 -6.15
C VAL A 121 -5.38 24.56 -6.00
N ALA A 122 -4.09 24.71 -6.31
CA ALA A 122 -3.34 25.91 -5.96
C ALA A 122 -3.04 26.77 -7.19
N HIS A 123 -3.12 28.09 -6.99
CA HIS A 123 -2.97 29.08 -8.06
C HIS A 123 -2.14 30.24 -7.52
N TRP A 124 -1.48 30.97 -8.44
CA TRP A 124 -0.71 32.15 -8.05
C TRP A 124 -1.13 33.38 -8.86
N ASN A 125 -0.95 34.55 -8.25
CA ASN A 125 -1.46 35.80 -8.79
C ASN A 125 -0.56 36.30 -9.92
N SER A 126 -0.93 35.97 -11.15
CA SER A 126 -0.16 36.39 -12.31
C SER A 126 -0.52 37.79 -12.80
N ALA A 127 -1.59 38.39 -12.27
CA ALA A 127 -1.86 39.79 -12.59
C ALA A 127 -0.82 40.70 -11.95
N LYS A 128 -0.38 40.37 -10.74
CA LYS A 128 0.55 41.22 -9.99
C LYS A 128 2.00 40.75 -10.02
N TYR A 129 2.24 39.44 -10.13
CA TYR A 129 3.57 38.89 -9.97
C TYR A 129 3.97 38.12 -11.22
N SER A 130 5.28 37.85 -11.35
CA SER A 130 5.82 37.24 -12.55
CA SER A 130 5.82 37.24 -12.55
C SER A 130 6.06 35.74 -12.41
N SER A 131 6.02 35.20 -11.19
CA SER A 131 6.30 33.78 -11.02
C SER A 131 5.68 33.32 -9.71
N LEU A 132 5.54 31.99 -9.60
CA LEU A 132 5.15 31.39 -8.33
C LEU A 132 6.12 31.78 -7.23
N ALA A 133 7.42 31.76 -7.53
CA ALA A 133 8.42 32.05 -6.51
C ALA A 133 8.29 33.46 -5.98
N GLU A 134 7.94 34.43 -6.85
CA GLU A 134 7.68 35.79 -6.37
C GLU A 134 6.38 35.86 -5.59
N ALA A 135 5.34 35.20 -6.11
CA ALA A 135 3.99 35.34 -5.54
C ALA A 135 3.84 34.63 -4.20
N ALA A 136 4.61 33.58 -3.95
CA ALA A 136 4.30 32.65 -2.86
C ALA A 136 4.38 33.29 -1.48
N SER A 137 5.15 34.37 -1.32
CA SER A 137 5.29 34.99 -0.01
C SER A 137 4.50 36.28 0.14
N LYS A 138 3.70 36.67 -0.85
CA LYS A 138 2.91 37.89 -0.81
C LYS A 138 1.52 37.60 -0.26
N ALA A 139 1.00 38.54 0.54
CA ALA A 139 -0.30 38.33 1.20
C ALA A 139 -1.39 37.97 0.20
N ASP A 140 -1.34 38.57 -1.00
CA ASP A 140 -2.32 38.31 -2.05
C ASP A 140 -1.77 37.40 -3.14
N GLY A 141 -0.73 36.61 -2.83
CA GLY A 141 -0.02 35.90 -3.88
C GLY A 141 -0.65 34.59 -4.32
N LEU A 142 -1.28 33.86 -3.40
CA LEU A 142 -1.76 32.51 -3.70
C LEU A 142 -3.26 32.39 -3.46
N ALA A 143 -3.89 31.50 -4.22
CA ALA A 143 -5.30 31.17 -4.04
C ALA A 143 -5.40 29.65 -4.13
N VAL A 144 -5.95 29.02 -3.09
CA VAL A 144 -6.07 27.57 -3.05
C VAL A 144 -7.53 27.22 -2.82
N ILE A 145 -8.06 26.36 -3.69
CA ILE A 145 -9.40 25.78 -3.51
C ILE A 145 -9.22 24.52 -2.69
N GLY A 146 -9.96 24.42 -1.59
CA GLY A 146 -10.00 23.21 -0.78
C GLY A 146 -11.33 22.51 -0.95
N VAL A 147 -11.27 21.19 -1.18
CA VAL A 147 -12.46 20.36 -1.30
C VAL A 147 -12.35 19.24 -0.28
N LEU A 148 -13.35 19.15 0.62
CA LEU A 148 -13.38 18.11 1.63
C LEU A 148 -13.80 16.80 0.98
N MET A 149 -13.12 15.71 1.34
CA MET A 149 -13.35 14.41 0.73
C MET A 149 -13.95 13.47 1.76
N LYS A 150 -15.19 13.07 1.53
CA LYS A 150 -15.95 12.26 2.46
C LYS A 150 -15.89 10.80 2.06
N VAL A 151 -15.47 9.95 2.99
CA VAL A 151 -15.37 8.52 2.67
C VAL A 151 -16.75 7.96 2.34
N GLY A 152 -16.80 7.16 1.28
CA GLY A 152 -18.03 6.60 0.77
C GLY A 152 -17.76 5.90 -0.56
N GLU A 153 -18.56 6.22 -1.57
CA GLU A 153 -18.43 5.55 -2.86
C GLU A 153 -17.12 5.91 -3.53
N ALA A 154 -16.55 4.94 -4.25
CA ALA A 154 -15.36 5.20 -5.04
C ALA A 154 -15.63 6.34 -6.01
N ASN A 155 -14.63 7.21 -6.18
CA ASN A 155 -14.78 8.38 -7.02
C ASN A 155 -14.08 8.11 -8.34
N PRO A 156 -14.81 7.87 -9.44
CA PRO A 156 -14.13 7.54 -10.70
C PRO A 156 -13.30 8.67 -11.26
N LYS A 157 -13.57 9.92 -10.88
CA LYS A 157 -12.80 11.03 -11.40
C LYS A 157 -11.35 11.02 -10.92
N LEU A 158 -11.04 10.26 -9.86
CA LEU A 158 -9.68 10.14 -9.36
C LEU A 158 -8.85 9.11 -10.13
N GLN A 159 -9.41 8.44 -11.13
CA GLN A 159 -8.78 7.23 -11.69
C GLN A 159 -7.41 7.50 -12.26
N LYS A 160 -7.27 8.55 -13.09
CA LYS A 160 -5.97 8.84 -13.68
C LYS A 160 -4.92 9.09 -12.61
N VAL A 161 -5.29 9.82 -11.56
CA VAL A 161 -4.35 10.12 -10.48
C VAL A 161 -3.91 8.84 -9.81
N LEU A 162 -4.88 8.01 -9.40
CA LEU A 162 -4.57 6.76 -8.71
C LEU A 162 -3.76 5.82 -9.59
N ASP A 163 -4.10 5.73 -10.88
CA ASP A 163 -3.34 4.87 -11.77
C ASP A 163 -1.89 5.32 -11.93
N ALA A 164 -1.58 6.60 -11.67
CA ALA A 164 -0.22 7.09 -11.87
C ALA A 164 0.70 6.78 -10.70
N LEU A 165 0.15 6.45 -9.53
CA LEU A 165 0.96 6.33 -8.33
C LEU A 165 1.95 5.18 -8.40
N GLN A 166 1.63 4.10 -9.13
CA GLN A 166 2.53 2.95 -9.20
C GLN A 166 3.87 3.31 -9.81
N ALA A 167 3.95 4.42 -10.55
CA ALA A 167 5.18 4.83 -11.19
C ALA A 167 5.97 5.84 -10.36
N ILE A 168 5.43 6.31 -9.25
CA ILE A 168 6.13 7.27 -8.39
C ILE A 168 6.07 6.80 -6.94
N LYS A 169 6.35 5.51 -6.71
CA LYS A 169 6.08 4.93 -5.39
C LYS A 169 7.00 5.49 -4.30
N THR A 170 8.22 5.87 -4.65
CA THR A 170 9.23 6.28 -3.68
C THR A 170 9.64 7.74 -3.92
N LYS A 171 10.20 8.31 -2.85
CA LYS A 171 10.53 9.75 -2.81
C LYS A 171 11.44 10.14 -3.96
N GLY A 172 11.07 11.21 -4.66
CA GLY A 172 11.84 11.74 -5.76
C GLY A 172 11.44 11.24 -7.12
N LYS A 173 10.76 10.09 -7.21
CA LYS A 173 10.32 9.63 -8.52
C LYS A 173 9.29 10.60 -9.10
N ARG A 174 9.30 10.69 -10.43
CA ARG A 174 8.39 11.56 -11.15
C ARG A 174 8.08 10.95 -12.50
N ALA A 175 6.95 11.38 -13.07
CA ALA A 175 6.52 10.85 -14.35
C ALA A 175 5.65 11.88 -15.06
N PRO A 176 5.62 11.85 -16.39
CA PRO A 176 4.69 12.71 -17.13
C PRO A 176 3.27 12.44 -16.70
N PHE A 177 2.49 13.51 -16.60
CA PHE A 177 1.06 13.42 -16.26
C PHE A 177 0.40 14.48 -17.12
N THR A 178 -0.25 14.07 -18.20
CA THR A 178 -0.64 15.01 -19.24
C THR A 178 -2.14 14.90 -19.53
N ASN A 179 -2.66 15.93 -20.18
CA ASN A 179 -4.02 15.91 -20.72
C ASN A 179 -5.05 15.66 -19.62
N PHE A 180 -5.05 16.55 -18.63
CA PHE A 180 -5.94 16.37 -17.48
C PHE A 180 -6.40 17.73 -17.00
N ASP A 181 -7.73 17.88 -16.85
CA ASP A 181 -8.34 19.10 -16.36
C ASP A 181 -8.83 18.86 -14.94
N PRO A 182 -8.17 19.43 -13.92
CA PRO A 182 -8.55 19.12 -12.53
C PRO A 182 -9.87 19.76 -12.09
N SER A 183 -10.50 20.58 -12.92
CA SER A 183 -11.85 21.02 -12.56
C SER A 183 -12.83 19.86 -12.55
N THR A 184 -12.49 18.74 -13.20
CA THR A 184 -13.31 17.53 -13.11
C THR A 184 -13.37 16.98 -11.70
N LEU A 185 -12.45 17.36 -10.80
CA LEU A 185 -12.44 16.87 -9.44
C LEU A 185 -13.30 17.70 -8.50
N LEU A 186 -13.76 18.88 -8.93
CA LEU A 186 -14.49 19.78 -8.06
C LEU A 186 -15.92 19.31 -7.88
N PRO A 187 -16.57 19.69 -6.78
CA PRO A 187 -17.98 19.34 -6.60
C PRO A 187 -18.87 20.08 -7.61
N SER A 188 -20.11 19.62 -7.69
CA SER A 188 -21.05 20.18 -8.65
C SER A 188 -21.38 21.63 -8.32
N SER A 189 -21.59 21.94 -7.06
CA SER A 189 -21.82 23.30 -6.62
C SER A 189 -20.49 23.88 -6.15
N LEU A 190 -20.23 25.13 -6.52
CA LEU A 190 -19.03 25.83 -6.10
C LEU A 190 -19.32 26.89 -5.03
N ASP A 191 -20.45 26.78 -4.33
CA ASP A 191 -20.65 27.58 -3.12
C ASP A 191 -19.46 27.37 -2.18
N PHE A 192 -19.01 28.45 -1.55
CA PHE A 192 -17.74 28.37 -0.85
C PHE A 192 -17.71 29.29 0.37
N TRP A 193 -16.74 29.00 1.23
CA TRP A 193 -16.27 29.88 2.29
C TRP A 193 -14.90 30.41 1.88
N THR A 194 -14.58 31.61 2.35
CA THR A 194 -13.26 32.16 2.08
C THR A 194 -12.72 32.86 3.31
N TYR A 195 -11.41 32.76 3.52
CA TYR A 195 -10.74 33.43 4.62
C TYR A 195 -9.26 33.59 4.27
N PRO A 196 -8.58 34.59 4.85
CA PRO A 196 -7.15 34.76 4.60
C PRO A 196 -6.33 33.84 5.49
N GLY A 197 -5.42 33.08 4.90
CA GLY A 197 -4.69 32.08 5.63
C GLY A 197 -3.31 31.84 5.07
N SER A 198 -2.84 30.60 5.18
CA SER A 198 -1.45 30.31 4.92
C SER A 198 -1.29 28.99 4.18
N LEU A 199 -0.08 28.74 3.72
CA LEU A 199 0.30 27.37 3.39
C LEU A 199 0.12 26.49 4.62
N THR A 200 -0.34 25.26 4.41
CA THR A 200 -0.58 24.38 5.55
C THR A 200 0.63 23.56 5.96
N HIS A 201 1.78 23.76 5.32
CA HIS A 201 3.01 23.15 5.78
C HIS A 201 4.15 24.09 5.45
N PRO A 202 5.35 23.84 5.99
CA PRO A 202 6.47 24.77 5.77
C PRO A 202 6.65 25.05 4.29
N PRO A 203 6.95 26.31 3.92
CA PRO A 203 7.31 27.40 4.83
C PRO A 203 6.16 28.18 5.50
N LEU A 204 4.90 27.76 5.34
CA LEU A 204 3.79 28.29 6.13
C LEU A 204 3.50 29.76 5.85
N TYR A 205 3.90 30.27 4.68
CA TYR A 205 3.66 31.68 4.34
C TYR A 205 2.19 32.04 4.48
N GLU A 206 1.93 33.21 5.06
CA GLU A 206 0.56 33.72 5.19
C GLU A 206 0.16 34.47 3.92
N SER A 207 0.08 33.70 2.83
CA SER A 207 -0.07 34.24 1.49
C SER A 207 -1.27 33.68 0.73
N VAL A 208 -2.14 32.93 1.39
CA VAL A 208 -3.18 32.16 0.71
C VAL A 208 -4.55 32.74 1.02
N THR A 209 -5.30 33.08 -0.03
CA THR A 209 -6.74 33.26 0.09
C THR A 209 -7.37 31.89 -0.13
N TRP A 210 -7.99 31.35 0.91
CA TRP A 210 -8.58 30.02 0.85
C TRP A 210 -10.00 30.08 0.31
N ILE A 211 -10.34 29.12 -0.54
CA ILE A 211 -11.69 28.94 -1.08
C ILE A 211 -12.08 27.51 -0.71
N ILE A 212 -12.93 27.35 0.31
CA ILE A 212 -13.35 26.02 0.78
C ILE A 212 -14.74 25.75 0.26
N CYS A 213 -14.90 24.70 -0.54
CA CYS A 213 -16.22 24.35 -1.04
C CYS A 213 -17.13 23.79 0.06
N LYS A 214 -18.41 24.15 -0.01
CA LYS A 214 -19.41 23.66 0.92
C LYS A 214 -19.72 22.20 0.67
N GLU A 215 -19.83 21.82 -0.61
CA GLU A 215 -20.11 20.43 -0.98
C GLU A 215 -18.83 19.61 -0.97
N SER A 216 -18.93 18.41 -0.41
CA SER A 216 -17.81 17.48 -0.43
C SER A 216 -17.80 16.68 -1.73
N ILE A 217 -16.69 15.98 -1.95
CA ILE A 217 -16.62 14.95 -2.98
C ILE A 217 -16.35 13.62 -2.28
N SER A 218 -16.61 12.54 -2.99
N SER A 218 -16.60 12.55 -3.00
CA SER A 218 -16.48 11.23 -2.40
CA SER A 218 -16.48 11.23 -2.41
C SER A 218 -15.09 10.66 -2.62
C SER A 218 -15.08 10.65 -2.63
N VAL A 219 -14.74 9.67 -1.80
CA VAL A 219 -13.53 8.87 -1.96
C VAL A 219 -13.77 7.57 -1.22
N SER A 220 -13.31 6.46 -1.78
CA SER A 220 -13.55 5.18 -1.11
C SER A 220 -12.43 4.86 -0.14
N SER A 221 -12.72 3.93 0.79
CA SER A 221 -11.71 3.48 1.73
CA SER A 221 -11.71 3.47 1.73
C SER A 221 -10.49 2.91 1.01
N GLU A 222 -10.69 2.26 -0.14
CA GLU A 222 -9.59 1.66 -0.88
C GLU A 222 -8.81 2.71 -1.67
N GLN A 223 -9.49 3.75 -2.16
CA GLN A 223 -8.75 4.83 -2.79
C GLN A 223 -7.84 5.54 -1.80
N LEU A 224 -8.33 5.79 -0.58
CA LEU A 224 -7.49 6.37 0.47
C LEU A 224 -6.30 5.45 0.79
N ALA A 225 -6.51 4.13 0.75
CA ALA A 225 -5.43 3.20 1.00
C ALA A 225 -4.32 3.34 -0.04
N GLN A 226 -4.69 3.69 -1.28
CA GLN A 226 -3.67 3.93 -2.31
C GLN A 226 -2.79 5.11 -1.95
N PHE A 227 -3.40 6.21 -1.47
CA PHE A 227 -2.58 7.34 -0.98
C PHE A 227 -1.60 6.88 0.10
N ARG A 228 -2.11 6.14 1.11
CA ARG A 228 -1.31 5.74 2.25
C ARG A 228 -0.27 4.69 1.91
N SER A 229 -0.37 4.04 0.74
CA SER A 229 0.66 3.10 0.32
C SER A 229 1.80 3.75 -0.44
N LEU A 230 1.69 5.04 -0.77
CA LEU A 230 2.87 5.75 -1.24
C LEU A 230 3.95 5.72 -0.17
N LEU A 231 5.21 5.73 -0.61
CA LEU A 231 6.33 5.56 0.29
C LEU A 231 7.12 6.86 0.41
N SER A 232 7.50 7.20 1.64
CA SER A 232 8.25 8.42 1.91
C SER A 232 9.75 8.24 1.79
N ASN A 233 10.22 7.01 1.77
CA ASN A 233 11.65 6.70 1.64
C ASN A 233 12.06 6.69 0.17
N VAL A 234 13.38 6.81 -0.04
CA VAL A 234 13.92 6.64 -1.38
C VAL A 234 14.02 5.16 -1.71
N GLU A 235 14.04 4.87 -3.01
CA GLU A 235 14.15 3.49 -3.48
C GLU A 235 15.35 2.79 -2.85
N GLY A 236 15.13 1.56 -2.40
CA GLY A 236 16.17 0.74 -1.81
C GLY A 236 16.21 0.80 -0.30
N ASP A 237 15.72 1.88 0.29
CA ASP A 237 15.65 1.96 1.75
C ASP A 237 14.43 1.18 2.27
N ASN A 238 14.40 1.01 3.58
CA ASN A 238 13.24 0.38 4.21
C ASN A 238 12.00 1.20 3.88
N ALA A 239 10.92 0.49 3.55
CA ALA A 239 9.69 1.14 3.13
C ALA A 239 9.04 1.86 4.31
N VAL A 240 8.65 3.11 4.10
CA VAL A 240 7.96 3.90 5.11
C VAL A 240 6.71 4.51 4.47
N PRO A 241 5.56 3.88 4.64
CA PRO A 241 4.34 4.41 4.01
C PRO A 241 4.02 5.83 4.48
N MET A 242 3.43 6.61 3.57
CA MET A 242 2.94 7.97 3.85
C MET A 242 1.60 7.87 4.56
N GLN A 243 1.65 7.64 5.87
CA GLN A 243 0.41 7.35 6.58
C GLN A 243 -0.51 8.56 6.68
N HIS A 244 0.04 9.76 6.81
CA HIS A 244 -0.78 10.95 7.00
C HIS A 244 0.05 12.19 6.69
N ASN A 245 -0.66 13.28 6.37
CA ASN A 245 0.02 14.55 6.07
C ASN A 245 -0.93 15.73 6.26
N ASN A 246 -1.85 15.63 7.22
CA ASN A 246 -2.78 16.72 7.50
C ASN A 246 -2.35 17.47 8.75
N ARG A 247 -2.37 18.80 8.67
CA ARG A 247 -2.03 19.63 9.83
C ARG A 247 -3.27 19.85 10.69
N PRO A 248 -3.12 19.92 12.01
CA PRO A 248 -4.26 20.27 12.86
C PRO A 248 -4.80 21.66 12.54
N THR A 249 -6.07 21.89 12.86
CA THR A 249 -6.63 23.22 12.67
C THR A 249 -6.00 24.21 13.66
N GLN A 250 -5.93 25.47 13.24
CA GLN A 250 -5.21 26.54 13.90
C GLN A 250 -6.17 27.65 14.31
N PRO A 251 -5.80 28.47 15.28
CA PRO A 251 -6.74 29.49 15.79
C PRO A 251 -7.04 30.57 14.76
N LEU A 252 -8.30 31.02 14.74
CA LEU A 252 -8.72 32.04 13.80
C LEU A 252 -8.09 33.39 14.11
N LYS A 253 -7.81 33.67 15.39
CA LYS A 253 -7.16 34.92 15.80
C LYS A 253 -7.90 36.14 15.27
N GLY A 254 -9.23 36.08 15.31
CA GLY A 254 -10.06 37.21 14.94
C GLY A 254 -10.39 37.30 13.46
N ARG A 255 -9.91 36.38 12.64
CA ARG A 255 -10.30 36.42 11.23
C ARG A 255 -11.77 36.08 11.07
N THR A 256 -12.34 36.54 9.95
CA THR A 256 -13.72 36.27 9.59
C THR A 256 -13.74 35.32 8.40
N VAL A 257 -14.49 34.23 8.54
CA VAL A 257 -14.76 33.35 7.42
C VAL A 257 -16.03 33.85 6.74
N ARG A 258 -15.93 34.25 5.49
CA ARG A 258 -17.08 34.71 4.73
C ARG A 258 -17.68 33.56 3.94
N ALA A 259 -19.00 33.61 3.75
CA ALA A 259 -19.72 32.62 2.98
C ALA A 259 -20.29 33.25 1.71
N SER A 260 -20.19 32.52 0.60
CA SER A 260 -20.77 32.98 -0.66
C SER A 260 -22.25 32.66 -0.77
N PHE A 261 -22.83 31.99 0.23
CA PHE A 261 -24.17 31.44 0.15
C PHE A 261 -24.86 31.64 1.47
N ASP B 5 -10.87 -14.96 14.07
CA ASP B 5 -10.62 -16.28 14.63
C ASP B 5 -9.14 -16.45 14.94
N TRP B 6 -8.33 -16.53 13.89
CA TRP B 6 -6.89 -16.59 14.01
C TRP B 6 -6.28 -15.59 13.04
N GLY B 7 -5.11 -15.10 13.40
CA GLY B 7 -4.39 -14.17 12.55
C GLY B 7 -2.96 -14.08 12.97
N TYR B 8 -2.38 -12.88 12.80
CA TYR B 8 -0.99 -12.65 13.18
C TYR B 8 -0.83 -11.51 14.18
N ASP B 9 -1.92 -10.97 14.71
CA ASP B 9 -1.80 -9.89 15.70
C ASP B 9 -1.52 -10.47 17.08
N ASP B 10 -1.30 -9.57 18.05
CA ASP B 10 -0.92 -10.02 19.39
C ASP B 10 -2.05 -10.78 20.08
N LYS B 11 -3.30 -10.53 19.70
CA LYS B 11 -4.44 -11.20 20.32
C LYS B 11 -4.76 -12.54 19.67
N ASN B 12 -4.58 -12.68 18.36
CA ASN B 12 -4.98 -13.89 17.65
C ASN B 12 -3.82 -14.57 16.92
N GLY B 13 -2.58 -14.24 17.27
CA GLY B 13 -1.43 -14.66 16.51
C GLY B 13 -0.83 -15.98 16.95
N PRO B 14 0.34 -16.29 16.39
CA PRO B 14 0.95 -17.62 16.59
C PRO B 14 1.12 -18.05 18.03
N GLU B 15 1.45 -17.13 18.95
CA GLU B 15 1.65 -17.55 20.34
C GLU B 15 0.35 -17.99 21.00
N GLN B 16 -0.81 -17.68 20.41
CA GLN B 16 -2.11 -18.03 20.96
C GLN B 16 -2.85 -19.06 20.13
N TRP B 17 -2.29 -19.50 19.01
CA TRP B 17 -3.01 -20.42 18.12
C TRP B 17 -3.37 -21.72 18.82
N SER B 18 -2.61 -22.12 19.83
CA SER B 18 -2.84 -23.40 20.49
C SER B 18 -4.20 -23.47 21.17
N LYS B 19 -4.80 -22.32 21.49
CA LYS B 19 -6.11 -22.34 22.15
C LYS B 19 -7.18 -22.91 21.22
N LEU B 20 -7.23 -22.43 19.99
CA LEU B 20 -8.18 -22.96 19.02
C LEU B 20 -7.63 -24.13 18.23
N TYR B 21 -6.31 -24.29 18.16
CA TYR B 21 -5.67 -25.36 17.38
C TYR B 21 -4.60 -26.02 18.22
N PRO B 22 -4.99 -26.94 19.10
CA PRO B 22 -4.01 -27.57 20.02
C PRO B 22 -2.83 -28.24 19.34
N ILE B 23 -2.96 -28.68 18.09
CA ILE B 23 -1.84 -29.26 17.35
C ILE B 23 -0.70 -28.27 17.15
N ALA B 24 -0.93 -26.98 17.40
CA ALA B 24 0.13 -25.98 17.33
C ALA B 24 1.32 -26.34 18.20
N ASN B 25 1.09 -27.10 19.27
CA ASN B 25 2.14 -27.59 20.17
C ASN B 25 2.57 -29.01 19.87
N GLY B 26 2.28 -29.51 18.67
CA GLY B 26 2.60 -30.88 18.30
C GLY B 26 4.09 -31.09 18.06
N ASN B 27 4.41 -32.32 17.67
CA ASN B 27 5.80 -32.73 17.49
C ASN B 27 6.30 -32.60 16.05
N ASN B 28 5.45 -32.19 15.11
CA ASN B 28 5.86 -32.08 13.71
C ASN B 28 5.46 -30.73 13.15
N GLN B 29 5.71 -29.66 13.90
CA GLN B 29 5.26 -28.34 13.50
C GLN B 29 6.31 -27.62 12.67
N SER B 30 5.83 -26.73 11.80
CA SER B 30 6.62 -25.94 10.88
C SER B 30 6.30 -24.46 11.05
N PRO B 31 7.23 -23.57 10.69
CA PRO B 31 8.55 -23.84 10.12
C PRO B 31 9.56 -24.23 11.18
N VAL B 32 10.78 -24.52 10.76
CA VAL B 32 11.88 -24.87 11.64
C VAL B 32 13.12 -24.11 11.19
N ASP B 33 14.09 -23.99 12.09
CA ASP B 33 15.42 -23.57 11.72
C ASP B 33 16.19 -24.78 11.20
N ILE B 34 16.89 -24.61 10.10
CA ILE B 34 17.75 -25.65 9.54
C ILE B 34 19.18 -25.36 9.99
N LYS B 35 19.68 -26.15 10.94
CA LYS B 35 21.06 -26.04 11.41
C LYS B 35 21.90 -26.95 10.53
N THR B 36 22.69 -26.35 9.64
CA THR B 36 23.35 -27.12 8.59
C THR B 36 24.36 -28.11 9.17
N SER B 37 24.94 -27.80 10.33
CA SER B 37 25.88 -28.74 10.95
C SER B 37 25.20 -30.04 11.39
N GLU B 38 23.87 -30.05 11.50
CA GLU B 38 23.13 -31.22 11.95
C GLU B 38 22.32 -31.88 10.85
N THR B 39 22.39 -31.38 9.62
CA THR B 39 21.69 -32.03 8.52
C THR B 39 22.43 -33.30 8.11
N LYS B 40 21.66 -34.25 7.57
CA LYS B 40 22.18 -35.57 7.23
C LYS B 40 22.00 -35.80 5.73
N HIS B 41 23.10 -36.13 5.04
CA HIS B 41 22.98 -36.42 3.62
C HIS B 41 22.41 -37.81 3.41
N ASP B 42 21.36 -37.89 2.60
CA ASP B 42 20.63 -39.12 2.36
C ASP B 42 20.77 -39.45 0.87
N THR B 43 21.46 -40.56 0.57
CA THR B 43 21.70 -40.92 -0.82
C THR B 43 20.43 -41.33 -1.55
N SER B 44 19.35 -41.63 -0.83
CA SER B 44 18.12 -42.04 -1.49
C SER B 44 17.30 -40.86 -2.00
N LEU B 45 17.73 -39.63 -1.73
CA LEU B 45 17.02 -38.43 -2.19
C LEU B 45 17.38 -38.15 -3.64
N LYS B 46 16.39 -38.30 -4.53
CA LYS B 46 16.59 -37.98 -5.94
C LYS B 46 16.46 -36.48 -6.15
N PRO B 47 16.92 -35.96 -7.29
CA PRO B 47 16.62 -34.58 -7.63
C PRO B 47 15.12 -34.39 -7.70
N ILE B 48 14.66 -33.20 -7.35
CA ILE B 48 13.25 -32.91 -7.53
C ILE B 48 12.96 -32.56 -8.98
N SER B 49 11.78 -32.97 -9.43
CA SER B 49 11.31 -32.72 -10.79
C SER B 49 10.05 -31.87 -10.68
N VAL B 50 10.08 -30.69 -11.28
CA VAL B 50 8.94 -29.78 -11.31
C VAL B 50 8.68 -29.42 -12.76
N SER B 51 7.73 -30.10 -13.39
CA SER B 51 7.34 -29.83 -14.77
CA SER B 51 7.34 -29.83 -14.77
C SER B 51 5.86 -29.46 -14.73
N TYR B 52 5.59 -28.20 -14.44
CA TYR B 52 4.22 -27.73 -14.35
C TYR B 52 3.71 -27.38 -15.75
N ASN B 53 2.38 -27.32 -15.87
CA ASN B 53 1.74 -26.93 -17.11
C ASN B 53 1.15 -25.54 -16.90
N PRO B 54 1.59 -24.52 -17.63
CA PRO B 54 1.14 -23.15 -17.33
C PRO B 54 -0.36 -22.93 -17.53
N ALA B 55 -1.04 -23.82 -18.27
CA ALA B 55 -2.48 -23.73 -18.43
C ALA B 55 -3.26 -24.18 -17.20
N THR B 56 -2.59 -24.68 -16.17
CA THR B 56 -3.29 -25.01 -14.93
C THR B 56 -3.48 -23.80 -14.01
N ALA B 57 -2.83 -22.68 -14.27
CA ALA B 57 -3.05 -21.47 -13.49
C ALA B 57 -4.51 -21.05 -13.61
N LYS B 58 -5.13 -20.71 -12.47
CA LYS B 58 -6.56 -20.46 -12.46
C LYS B 58 -6.98 -19.10 -11.89
N GLU B 59 -6.62 -18.80 -10.65
CA GLU B 59 -7.25 -17.68 -9.95
C GLU B 59 -6.31 -17.16 -8.87
N ILE B 60 -6.33 -15.83 -8.68
CA ILE B 60 -5.61 -15.20 -7.58
C ILE B 60 -6.66 -14.66 -6.61
N ILE B 61 -6.43 -14.83 -5.31
CA ILE B 61 -7.45 -14.52 -4.31
C ILE B 61 -6.82 -13.93 -3.06
N ASN B 62 -7.45 -12.89 -2.52
CA ASN B 62 -7.08 -12.32 -1.23
C ASN B 62 -7.79 -13.10 -0.13
N VAL B 63 -7.01 -13.77 0.72
CA VAL B 63 -7.56 -14.61 1.79
C VAL B 63 -7.50 -13.92 3.15
N GLY B 64 -7.34 -12.58 3.18
CA GLY B 64 -7.38 -11.86 4.43
C GLY B 64 -6.03 -11.72 5.10
N HIS B 65 -5.35 -12.84 5.36
CA HIS B 65 -4.03 -12.79 5.96
C HIS B 65 -2.93 -12.91 4.93
N SER B 66 -3.27 -13.20 3.68
CA SER B 66 -2.33 -13.46 2.61
C SER B 66 -3.10 -13.38 1.30
N PHE B 67 -2.43 -13.73 0.21
CA PHE B 67 -3.07 -13.99 -1.06
C PHE B 67 -2.51 -15.29 -1.61
N HIS B 68 -3.34 -15.99 -2.38
CA HIS B 68 -2.97 -17.26 -2.95
C HIS B 68 -3.18 -17.22 -4.45
N VAL B 69 -2.31 -17.91 -5.18
CA VAL B 69 -2.53 -18.19 -6.59
C VAL B 69 -2.90 -19.66 -6.72
N ASN B 70 -4.13 -19.92 -7.11
CA ASN B 70 -4.66 -21.27 -7.19
C ASN B 70 -4.60 -21.83 -8.59
N PHE B 71 -4.44 -23.15 -8.66
CA PHE B 71 -4.29 -23.90 -9.90
C PHE B 71 -5.38 -24.97 -10.01
N GLU B 72 -5.75 -25.28 -11.25
CA GLU B 72 -6.66 -26.40 -11.50
C GLU B 72 -5.98 -27.69 -11.09
N ASP B 73 -6.61 -28.47 -10.21
CA ASP B 73 -5.99 -29.68 -9.67
C ASP B 73 -6.85 -30.92 -9.92
N ASN B 74 -7.63 -30.90 -10.99
CA ASN B 74 -8.47 -32.04 -11.33
C ASN B 74 -7.68 -33.19 -11.94
N ASP B 75 -6.48 -32.92 -12.43
CA ASP B 75 -5.68 -33.96 -13.07
C ASP B 75 -4.21 -33.72 -12.75
N ASN B 76 -3.36 -34.60 -13.28
CA ASN B 76 -1.93 -34.55 -13.01
C ASN B 76 -1.14 -33.76 -14.04
N ARG B 77 -1.72 -32.74 -14.68
CA ARG B 77 -0.95 -31.95 -15.63
C ARG B 77 0.27 -31.29 -15.00
N SER B 78 0.17 -30.85 -13.75
CA SER B 78 1.25 -30.13 -13.08
C SER B 78 1.61 -30.92 -11.82
N VAL B 79 2.79 -31.56 -11.81
CA VAL B 79 3.17 -32.42 -10.70
C VAL B 79 4.60 -32.16 -10.25
N LEU B 80 4.84 -32.41 -8.97
CA LEU B 80 6.15 -32.48 -8.37
C LEU B 80 6.47 -33.97 -8.19
N LYS B 81 7.68 -34.37 -8.60
CA LYS B 81 8.13 -35.73 -8.45
C LYS B 81 9.56 -35.73 -7.95
N GLY B 82 10.04 -36.90 -7.55
CA GLY B 82 11.42 -37.04 -7.14
C GLY B 82 11.65 -36.67 -5.69
N GLY B 83 12.86 -36.22 -5.37
CA GLY B 83 13.20 -35.90 -4.01
C GLY B 83 13.00 -37.09 -3.10
N PRO B 84 12.27 -36.88 -2.00
CA PRO B 84 11.97 -37.98 -1.07
C PRO B 84 10.74 -38.80 -1.45
N PHE B 85 10.12 -38.53 -2.59
CA PHE B 85 8.81 -39.07 -2.90
C PHE B 85 8.89 -40.25 -3.86
N SER B 86 8.06 -41.26 -3.62
CA SER B 86 7.80 -42.27 -4.64
C SER B 86 6.58 -41.92 -5.47
N ASP B 87 5.68 -41.09 -4.95
CA ASP B 87 4.45 -40.68 -5.60
C ASP B 87 4.64 -39.32 -6.24
N SER B 88 3.78 -39.03 -7.23
CA SER B 88 3.69 -37.69 -7.79
C SER B 88 2.71 -36.86 -6.98
N TYR B 89 3.02 -35.57 -6.82
CA TYR B 89 2.19 -34.65 -6.05
C TYR B 89 1.70 -33.54 -6.97
N ARG B 90 0.41 -33.26 -6.90
CA ARG B 90 -0.28 -32.35 -7.82
C ARG B 90 -0.23 -30.93 -7.29
N LEU B 91 0.29 -30.01 -8.11
CA LEU B 91 0.31 -28.59 -7.75
C LEU B 91 -1.10 -28.07 -7.54
N PHE B 92 -1.31 -27.31 -6.45
CA PHE B 92 -2.61 -26.67 -6.28
C PHE B 92 -2.57 -25.19 -5.93
N GLN B 93 -1.50 -24.66 -5.34
CA GLN B 93 -1.41 -23.21 -5.16
C GLN B 93 0.02 -22.83 -4.81
N PHE B 94 0.33 -21.55 -5.00
CA PHE B 94 1.50 -20.95 -4.38
C PHE B 94 1.13 -19.64 -3.69
N HIS B 95 1.97 -19.24 -2.75
CA HIS B 95 1.76 -18.03 -1.97
C HIS B 95 3.08 -17.63 -1.33
N PHE B 96 3.07 -16.50 -0.63
CA PHE B 96 4.25 -15.97 0.01
C PHE B 96 3.96 -15.68 1.48
N HIS B 97 5.03 -15.59 2.25
CA HIS B 97 5.00 -14.99 3.58
C HIS B 97 6.01 -13.87 3.62
N TRP B 98 5.70 -12.87 4.44
CA TRP B 98 6.58 -11.71 4.61
C TRP B 98 6.45 -11.17 6.03
N GLY B 99 7.30 -10.22 6.37
CA GLY B 99 7.36 -9.65 7.70
C GLY B 99 7.16 -8.16 7.71
N SER B 100 7.11 -7.60 8.92
CA SER B 100 6.88 -6.17 9.10
C SER B 100 8.04 -5.35 8.57
N THR B 101 9.25 -5.89 8.61
CA THR B 101 10.44 -5.23 8.10
C THR B 101 11.13 -6.18 7.14
N ASN B 102 12.08 -5.64 6.35
CA ASN B 102 12.84 -6.48 5.45
C ASN B 102 13.75 -7.46 6.18
N GLU B 103 14.03 -7.25 7.46
CA GLU B 103 15.02 -8.06 8.17
C GLU B 103 14.48 -9.40 8.64
N HIS B 104 13.17 -9.60 8.64
CA HIS B 104 12.62 -10.85 9.18
C HIS B 104 11.21 -11.05 8.61
N GLY B 105 11.15 -11.78 7.50
CA GLY B 105 9.88 -12.12 6.89
C GLY B 105 9.72 -13.56 6.45
N SER B 106 10.81 -14.31 6.38
CA SER B 106 10.68 -15.72 6.03
C SER B 106 10.11 -16.50 7.21
N GLU B 107 9.74 -17.74 6.94
CA GLU B 107 9.31 -18.64 8.01
C GLU B 107 10.43 -19.59 8.40
N HIS B 108 10.96 -20.36 7.44
CA HIS B 108 12.15 -21.13 7.73
C HIS B 108 13.35 -20.21 7.86
N THR B 109 14.31 -20.65 8.66
CA THR B 109 15.57 -19.96 8.82
C THR B 109 16.68 -20.97 8.61
N VAL B 110 17.86 -20.48 8.30
CA VAL B 110 19.02 -21.34 8.08
C VAL B 110 20.14 -20.87 8.97
N ASP B 111 20.57 -21.74 9.89
CA ASP B 111 21.58 -21.38 10.87
C ASP B 111 21.22 -20.08 11.60
N GLY B 112 19.93 -19.93 11.90
CA GLY B 112 19.39 -18.79 12.61
C GLY B 112 19.20 -17.53 11.78
N VAL B 113 19.59 -17.55 10.50
CA VAL B 113 19.46 -16.38 9.65
C VAL B 113 18.03 -16.31 9.12
N LYS B 114 17.37 -15.19 9.34
CA LYS B 114 16.02 -14.94 8.84
C LYS B 114 16.13 -14.15 7.53
N TYR B 115 15.38 -14.59 6.52
CA TYR B 115 15.34 -13.89 5.25
C TYR B 115 14.16 -12.95 5.22
N SER B 116 14.02 -12.21 4.12
CA SER B 116 13.01 -11.16 4.02
C SER B 116 11.62 -11.67 3.69
N ALA B 117 11.50 -12.84 3.08
CA ALA B 117 10.22 -13.37 2.67
C ALA B 117 10.44 -14.82 2.27
N GLU B 118 9.35 -15.52 1.97
CA GLU B 118 9.44 -16.93 1.61
C GLU B 118 8.33 -17.25 0.61
N LEU B 119 8.66 -18.04 -0.42
CA LEU B 119 7.69 -18.55 -1.38
C LEU B 119 7.35 -19.99 -1.01
N HIS B 120 6.06 -20.33 -1.04
CA HIS B 120 5.58 -21.68 -0.79
C HIS B 120 4.81 -22.16 -2.01
N VAL B 121 5.22 -23.30 -2.57
CA VAL B 121 4.53 -23.93 -3.68
C VAL B 121 3.96 -25.25 -3.17
N ALA B 122 2.63 -25.37 -3.11
CA ALA B 122 1.96 -26.44 -2.40
C ALA B 122 1.37 -27.48 -3.35
N HIS B 123 1.47 -28.76 -2.96
CA HIS B 123 1.03 -29.89 -3.76
C HIS B 123 0.36 -30.93 -2.87
N TRP B 124 -0.50 -31.76 -3.46
CA TRP B 124 -1.14 -32.85 -2.72
C TRP B 124 -0.95 -34.20 -3.40
N ASN B 125 -1.04 -35.27 -2.60
CA ASN B 125 -0.68 -36.62 -3.04
C ASN B 125 -1.82 -37.23 -3.84
N SER B 126 -1.74 -37.15 -5.17
CA SER B 126 -2.75 -37.69 -6.06
C SER B 126 -2.53 -39.15 -6.41
N ALA B 127 -1.40 -39.74 -6.03
CA ALA B 127 -1.25 -41.18 -6.21
C ALA B 127 -2.08 -41.94 -5.18
N LYS B 128 -2.12 -41.45 -3.95
CA LYS B 128 -2.79 -42.16 -2.86
C LYS B 128 -4.19 -41.66 -2.60
N TYR B 129 -4.48 -40.39 -2.86
CA TYR B 129 -5.75 -39.77 -2.52
C TYR B 129 -6.37 -39.18 -3.78
N SER B 130 -7.65 -38.85 -3.68
CA SER B 130 -8.43 -38.40 -4.83
C SER B 130 -8.71 -36.90 -4.84
N SER B 131 -8.34 -36.18 -3.79
CA SER B 131 -8.64 -34.76 -3.71
C SER B 131 -7.76 -34.14 -2.63
N LEU B 132 -7.66 -32.81 -2.71
CA LEU B 132 -7.01 -32.06 -1.64
C LEU B 132 -7.73 -32.28 -0.31
N ALA B 133 -9.06 -32.29 -0.34
CA ALA B 133 -9.80 -32.49 0.91
C ALA B 133 -9.40 -33.78 1.60
N GLU B 134 -9.19 -34.85 0.83
CA GLU B 134 -8.80 -36.14 1.42
C GLU B 134 -7.35 -36.11 1.89
N ALA B 135 -6.47 -35.50 1.11
CA ALA B 135 -5.03 -35.58 1.38
C ALA B 135 -4.61 -34.65 2.52
N ALA B 136 -5.36 -33.59 2.79
CA ALA B 136 -4.83 -32.46 3.57
C ALA B 136 -4.51 -32.83 5.01
N SER B 137 -5.17 -33.84 5.57
CA SER B 137 -4.92 -34.22 6.95
C SER B 137 -4.03 -35.45 7.09
N LYS B 138 -3.55 -36.02 5.98
CA LYS B 138 -2.77 -37.25 6.00
C LYS B 138 -1.28 -36.93 6.12
N ALA B 139 -0.55 -37.77 6.87
CA ALA B 139 0.88 -37.49 7.09
C ALA B 139 1.65 -37.40 5.79
N ASP B 140 1.27 -38.18 4.79
CA ASP B 140 1.89 -38.19 3.46
C ASP B 140 1.06 -37.41 2.43
N GLY B 141 0.15 -36.55 2.89
CA GLY B 141 -0.77 -35.90 1.97
C GLY B 141 -0.26 -34.72 1.18
N LEU B 142 0.62 -33.90 1.77
CA LEU B 142 1.01 -32.64 1.17
C LEU B 142 2.52 -32.55 1.00
N ALA B 143 2.92 -31.80 -0.02
CA ALA B 143 4.32 -31.47 -0.24
C ALA B 143 4.39 -29.99 -0.58
N VAL B 144 5.24 -29.25 0.14
CA VAL B 144 5.39 -27.82 -0.10
C VAL B 144 6.87 -27.52 -0.32
N ILE B 145 7.17 -26.84 -1.43
CA ILE B 145 8.52 -26.31 -1.70
C ILE B 145 8.60 -24.92 -1.10
N GLY B 146 9.64 -24.66 -0.31
CA GLY B 146 9.89 -23.35 0.24
C GLY B 146 11.17 -22.79 -0.39
N VAL B 147 11.08 -21.52 -0.80
CA VAL B 147 12.21 -20.75 -1.32
C VAL B 147 12.36 -19.50 -0.49
N LEU B 148 13.53 -19.35 0.12
CA LEU B 148 13.83 -18.16 0.90
C LEU B 148 14.09 -16.98 -0.03
N MET B 149 13.60 -15.80 0.34
CA MET B 149 13.71 -14.62 -0.49
C MET B 149 14.55 -13.57 0.22
N LYS B 150 15.62 -13.14 -0.44
CA LYS B 150 16.61 -12.24 0.14
C LYS B 150 16.44 -10.83 -0.46
N VAL B 151 16.23 -9.84 0.39
CA VAL B 151 16.05 -8.48 -0.10
C VAL B 151 17.29 -8.01 -0.85
N GLY B 152 17.07 -7.37 -1.99
CA GLY B 152 18.15 -6.96 -2.87
C GLY B 152 17.56 -6.41 -4.15
N GLU B 153 18.07 -6.87 -5.29
CA GLU B 153 17.55 -6.39 -6.57
C GLU B 153 16.11 -6.84 -6.76
N ALA B 154 15.34 -6.02 -7.46
CA ALA B 154 13.99 -6.41 -7.85
C ALA B 154 14.02 -7.72 -8.64
N ASN B 155 13.05 -8.59 -8.37
CA ASN B 155 12.97 -9.86 -9.05
C ASN B 155 11.92 -9.76 -10.14
N PRO B 156 12.31 -9.69 -11.42
CA PRO B 156 11.30 -9.50 -12.47
C PRO B 156 10.38 -10.69 -12.66
N LYS B 157 10.77 -11.87 -12.16
CA LYS B 157 9.90 -13.03 -12.28
C LYS B 157 8.63 -12.90 -11.44
N LEU B 158 8.62 -12.00 -10.47
CA LEU B 158 7.44 -11.74 -9.65
C LEU B 158 6.43 -10.81 -10.32
N GLN B 159 6.75 -10.28 -11.50
CA GLN B 159 6.03 -9.14 -12.06
C GLN B 159 4.54 -9.44 -12.26
N LYS B 160 4.22 -10.58 -12.89
CA LYS B 160 2.82 -10.88 -13.16
C LYS B 160 2.01 -11.00 -11.88
N VAL B 161 2.62 -11.59 -10.84
CA VAL B 161 1.93 -11.73 -9.55
C VAL B 161 1.69 -10.35 -8.95
N LEU B 162 2.73 -9.52 -8.90
CA LEU B 162 2.60 -8.20 -8.28
C LEU B 162 1.60 -7.33 -9.04
N ASP B 163 1.62 -7.40 -10.38
CA ASP B 163 0.70 -6.61 -11.18
C ASP B 163 -0.75 -7.01 -10.94
N ALA B 164 -0.99 -8.26 -10.53
CA ALA B 164 -2.35 -8.73 -10.33
C ALA B 164 -2.94 -8.26 -9.01
N LEU B 165 -2.11 -7.79 -8.08
CA LEU B 165 -2.60 -7.49 -6.74
C LEU B 165 -3.63 -6.36 -6.73
N GLN B 166 -3.52 -5.41 -7.67
CA GLN B 166 -4.45 -4.28 -7.66
C GLN B 166 -5.90 -4.71 -7.84
N ALA B 167 -6.14 -5.89 -8.41
CA ALA B 167 -7.49 -6.41 -8.58
C ALA B 167 -8.02 -7.17 -7.39
N ILE B 168 -7.19 -7.47 -6.39
CA ILE B 168 -7.63 -8.24 -5.23
C ILE B 168 -7.22 -7.55 -3.94
N LYS B 169 -7.46 -6.25 -3.85
CA LYS B 169 -6.89 -5.48 -2.74
C LYS B 169 -7.50 -5.86 -1.38
N THR B 170 -8.78 -6.23 -1.33
CA THR B 170 -9.45 -6.49 -0.07
C THR B 170 -9.86 -7.96 0.08
N LYS B 171 -10.08 -8.35 1.33
CA LYS B 171 -10.35 -9.74 1.67
C LYS B 171 -11.54 -10.29 0.90
N GLY B 172 -11.35 -11.44 0.26
CA GLY B 172 -12.40 -12.08 -0.49
C GLY B 172 -12.39 -11.80 -1.97
N LYS B 173 -11.72 -10.73 -2.41
CA LYS B 173 -11.65 -10.46 -3.83
C LYS B 173 -10.80 -11.53 -4.54
N ARG B 174 -11.19 -11.82 -5.78
CA ARG B 174 -10.50 -12.80 -6.60
C ARG B 174 -10.53 -12.33 -8.05
N ALA B 175 -9.61 -12.87 -8.85
CA ALA B 175 -9.53 -12.51 -10.25
C ALA B 175 -8.92 -13.67 -11.01
N PRO B 176 -9.25 -13.82 -12.29
CA PRO B 176 -8.58 -14.85 -13.10
C PRO B 176 -7.08 -14.59 -13.18
N PHE B 177 -6.32 -15.68 -13.13
CA PHE B 177 -4.86 -15.61 -13.20
C PHE B 177 -4.43 -16.86 -13.98
N THR B 178 -4.06 -16.68 -15.25
CA THR B 178 -3.92 -17.80 -16.16
C THR B 178 -2.53 -17.78 -16.82
N ASN B 179 -2.19 -18.93 -17.41
CA ASN B 179 -0.99 -19.06 -18.23
C ASN B 179 0.26 -18.66 -17.46
N PHE B 180 0.54 -19.42 -16.39
CA PHE B 180 1.69 -19.11 -15.54
C PHE B 180 2.27 -20.39 -14.97
N ASP B 181 3.59 -20.52 -15.12
CA ASP B 181 4.33 -21.68 -14.62
C ASP B 181 5.13 -21.24 -13.39
N PRO B 182 4.75 -21.64 -12.18
CA PRO B 182 5.46 -21.14 -10.98
C PRO B 182 6.86 -21.69 -10.81
N SER B 183 7.25 -22.72 -11.56
CA SER B 183 8.65 -23.14 -11.51
C SER B 183 9.60 -22.06 -12.00
N THR B 184 9.09 -21.05 -12.71
CA THR B 184 9.90 -19.90 -13.10
C THR B 184 10.36 -19.08 -11.90
N LEU B 185 9.72 -19.24 -10.75
CA LEU B 185 10.11 -18.51 -9.54
C LEU B 185 11.18 -19.22 -8.73
N LEU B 186 11.49 -20.47 -9.03
CA LEU B 186 12.46 -21.23 -8.27
C LEU B 186 13.89 -20.81 -8.60
N PRO B 187 14.84 -21.07 -7.71
CA PRO B 187 16.24 -20.79 -8.02
C PRO B 187 16.76 -21.74 -9.10
N SER B 188 17.94 -21.40 -9.60
CA SER B 188 18.51 -22.15 -10.71
C SER B 188 18.86 -23.57 -10.30
N SER B 189 19.50 -23.73 -9.15
CA SER B 189 19.76 -25.06 -8.59
C SER B 189 18.66 -25.45 -7.63
N LEU B 190 18.28 -26.72 -7.67
CA LEU B 190 17.22 -27.24 -6.82
C LEU B 190 17.76 -28.18 -5.73
N ASP B 191 19.02 -28.02 -5.34
CA ASP B 191 19.51 -28.66 -4.12
C ASP B 191 18.56 -28.31 -2.98
N PHE B 192 18.31 -29.26 -2.07
CA PHE B 192 17.26 -29.01 -1.09
C PHE B 192 17.51 -29.75 0.22
N TRP B 193 16.85 -29.27 1.26
CA TRP B 193 16.66 -29.96 2.52
C TRP B 193 15.22 -30.44 2.60
N THR B 194 15.00 -31.52 3.35
CA THR B 194 13.63 -32.01 3.54
C THR B 194 13.44 -32.50 4.97
N TYR B 195 12.24 -32.26 5.50
CA TYR B 195 11.90 -32.73 6.83
C TYR B 195 10.39 -32.88 6.90
N PRO B 196 9.88 -33.72 7.79
CA PRO B 196 8.44 -33.88 7.96
C PRO B 196 7.88 -32.79 8.87
N GLY B 197 6.82 -32.12 8.41
CA GLY B 197 6.29 -30.98 9.15
C GLY B 197 4.81 -30.75 8.94
N SER B 198 4.43 -29.48 8.97
CA SER B 198 3.04 -29.10 9.10
C SER B 198 2.74 -27.91 8.21
N LEU B 199 1.44 -27.66 8.02
CA LEU B 199 1.02 -26.34 7.58
C LEU B 199 1.52 -25.31 8.57
N THR B 200 1.97 -24.15 8.07
CA THR B 200 2.53 -23.13 8.96
C THR B 200 1.48 -22.18 9.54
N HIS B 201 0.21 -22.38 9.24
CA HIS B 201 -0.83 -21.64 9.92
C HIS B 201 -2.04 -22.55 10.02
N PRO B 202 -3.06 -22.15 10.80
CA PRO B 202 -4.22 -23.03 10.98
C PRO B 202 -4.77 -23.48 9.64
N PRO B 203 -5.21 -24.75 9.55
CA PRO B 203 -5.37 -25.66 10.70
C PRO B 203 -4.14 -26.44 11.18
N LEU B 204 -2.94 -26.12 10.69
CA LEU B 204 -1.70 -26.63 11.27
C LEU B 204 -1.52 -28.13 11.15
N TYR B 205 -2.23 -28.77 10.22
CA TYR B 205 -2.13 -30.22 10.04
C TYR B 205 -0.68 -30.66 9.83
N GLU B 206 -0.30 -31.75 10.50
CA GLU B 206 1.05 -32.29 10.37
C GLU B 206 1.10 -33.26 9.18
N SER B 207 0.90 -32.68 8.01
CA SER B 207 0.66 -33.42 6.77
C SER B 207 1.64 -33.06 5.67
N VAL B 208 2.71 -32.30 5.96
CA VAL B 208 3.53 -31.69 4.93
C VAL B 208 4.92 -32.30 4.94
N THR B 209 5.36 -32.77 3.79
CA THR B 209 6.78 -33.04 3.55
C THR B 209 7.36 -31.77 2.96
N TRP B 210 8.25 -31.12 3.70
CA TRP B 210 8.83 -29.85 3.29
C TRP B 210 10.06 -30.08 2.41
N ILE B 211 10.16 -29.29 1.34
CA ILE B 211 11.31 -29.28 0.45
C ILE B 211 11.80 -27.84 0.50
N ILE B 212 12.90 -27.58 1.22
CA ILE B 212 13.44 -26.23 1.36
C ILE B 212 14.63 -26.09 0.43
N CYS B 213 14.57 -25.15 -0.52
CA CYS B 213 15.67 -24.99 -1.45
C CYS B 213 16.87 -24.40 -0.74
N LYS B 214 18.07 -24.93 -1.08
CA LYS B 214 19.29 -24.37 -0.52
C LYS B 214 19.54 -22.95 -1.02
N GLU B 215 19.24 -22.68 -2.29
CA GLU B 215 19.49 -21.38 -2.90
C GLU B 215 18.30 -20.46 -2.70
N SER B 216 18.57 -19.18 -2.45
CA SER B 216 17.54 -18.18 -2.32
C SER B 216 17.29 -17.49 -3.66
N ILE B 217 16.19 -16.71 -3.72
CA ILE B 217 15.89 -15.82 -4.83
C ILE B 217 15.80 -14.41 -4.28
N SER B 218 15.85 -13.42 -5.18
CA SER B 218 15.85 -12.04 -4.76
CA SER B 218 15.85 -12.03 -4.78
C SER B 218 14.44 -11.46 -4.70
N VAL B 219 14.33 -10.33 -4.01
CA VAL B 219 13.11 -9.51 -3.98
C VAL B 219 13.53 -8.11 -3.53
N SER B 220 12.90 -7.09 -4.10
CA SER B 220 13.29 -5.74 -3.70
C SER B 220 12.45 -5.23 -2.55
N SER B 221 12.96 -4.19 -1.88
CA SER B 221 12.21 -3.54 -0.81
C SER B 221 10.85 -3.06 -1.29
N GLU B 222 10.77 -2.54 -2.51
CA GLU B 222 9.50 -2.04 -3.01
C GLU B 222 8.54 -3.17 -3.38
N GLN B 223 9.07 -4.32 -3.81
CA GLN B 223 8.19 -5.45 -4.08
C GLN B 223 7.58 -5.99 -2.79
N LEU B 224 8.38 -6.04 -1.72
CA LEU B 224 7.83 -6.42 -0.42
C LEU B 224 6.76 -5.44 0.02
N ALA B 225 6.98 -4.15 -0.24
CA ALA B 225 5.98 -3.16 0.11
C ALA B 225 4.67 -3.38 -0.63
N GLN B 226 4.72 -3.91 -1.86
CA GLN B 226 3.47 -4.27 -2.55
C GLN B 226 2.72 -5.36 -1.80
N PHE B 227 3.43 -6.39 -1.32
CA PHE B 227 2.77 -7.41 -0.50
C PHE B 227 2.06 -6.76 0.68
N ARG B 228 2.77 -5.88 1.39
CA ARG B 228 2.23 -5.25 2.58
C ARG B 228 1.13 -4.25 2.28
N SER B 229 0.94 -3.87 1.02
CA SER B 229 -0.14 -2.97 0.67
C SER B 229 -1.46 -3.71 0.43
N LEU B 230 -1.44 -5.05 0.43
CA LEU B 230 -2.69 -5.79 0.42
C LEU B 230 -3.42 -5.53 1.73
N LEU B 231 -4.75 -5.59 1.67
CA LEU B 231 -5.58 -5.22 2.81
C LEU B 231 -6.30 -6.44 3.36
N SER B 232 -6.30 -6.57 4.69
CA SER B 232 -6.93 -7.70 5.37
C SER B 232 -8.42 -7.51 5.61
N ASN B 233 -8.93 -6.29 5.43
CA ASN B 233 -10.33 -5.99 5.67
C ASN B 233 -11.14 -6.22 4.40
N VAL B 234 -12.46 -6.28 4.58
CA VAL B 234 -13.36 -6.35 3.44
C VAL B 234 -13.57 -4.96 2.85
N GLU B 235 -13.98 -4.95 1.59
CA GLU B 235 -14.21 -3.68 0.89
C GLU B 235 -15.19 -2.81 1.66
N GLY B 236 -14.87 -1.53 1.76
CA GLY B 236 -15.70 -0.57 2.43
C GLY B 236 -15.25 -0.25 3.84
N ASP B 237 -14.70 -1.24 4.54
CA ASP B 237 -14.20 -1.01 5.88
C ASP B 237 -12.89 -0.23 5.80
N ASN B 238 -12.47 0.31 6.95
CA ASN B 238 -11.20 1.04 6.99
C ASN B 238 -10.07 0.10 6.62
N ALA B 239 -9.16 0.61 5.81
CA ALA B 239 -8.12 -0.23 5.23
C ALA B 239 -7.09 -0.65 6.28
N VAL B 240 -6.80 -1.94 6.34
CA VAL B 240 -5.82 -2.48 7.29
C VAL B 240 -4.78 -3.27 6.52
N PRO B 241 -3.58 -2.73 6.34
CA PRO B 241 -2.57 -3.44 5.54
C PRO B 241 -2.14 -4.75 6.17
N MET B 242 -1.78 -5.70 5.31
CA MET B 242 -1.23 -7.00 5.71
C MET B 242 0.25 -6.84 6.01
N GLN B 243 0.56 -6.45 7.25
CA GLN B 243 1.93 -6.10 7.60
C GLN B 243 2.86 -7.32 7.62
N HIS B 244 2.35 -8.48 8.03
CA HIS B 244 3.21 -9.65 8.20
C HIS B 244 2.33 -10.89 8.33
N ASN B 245 2.93 -12.05 8.02
CA ASN B 245 2.19 -13.30 8.11
C ASN B 245 3.13 -14.48 8.25
N ASN B 246 4.26 -14.29 8.93
CA ASN B 246 5.24 -15.36 9.13
C ASN B 246 5.16 -15.92 10.54
N ARG B 247 5.09 -17.25 10.65
CA ARG B 247 5.11 -17.92 11.95
C ARG B 247 6.56 -18.09 12.44
N PRO B 248 6.81 -17.97 13.74
CA PRO B 248 8.15 -18.27 14.26
C PRO B 248 8.51 -19.73 14.06
N THR B 249 9.81 -20.01 14.06
CA THR B 249 10.25 -21.40 13.96
C THR B 249 9.87 -22.17 15.23
N GLN B 250 9.59 -23.45 15.05
CA GLN B 250 9.07 -24.34 16.08
C GLN B 250 10.08 -25.42 16.43
N PRO B 251 9.97 -26.03 17.62
CA PRO B 251 10.99 -27.00 18.03
C PRO B 251 11.04 -28.20 17.10
N LEU B 252 12.27 -28.62 16.80
CA LEU B 252 12.48 -29.77 15.92
C LEU B 252 12.00 -31.06 16.57
N LYS B 253 12.10 -31.17 17.89
CA LYS B 253 11.60 -32.32 18.64
C LYS B 253 12.10 -33.65 18.08
N GLY B 254 13.41 -33.71 17.82
CA GLY B 254 14.02 -34.95 17.40
C GLY B 254 13.89 -35.29 15.93
N ARG B 255 13.17 -34.50 15.15
CA ARG B 255 13.14 -34.74 13.71
C ARG B 255 14.52 -34.51 13.11
N THR B 256 14.77 -35.15 11.98
CA THR B 256 16.01 -34.99 11.23
C THR B 256 15.73 -34.20 9.97
N VAL B 257 16.56 -33.20 9.69
CA VAL B 257 16.52 -32.51 8.40
C VAL B 257 17.54 -33.17 7.48
N ARG B 258 17.07 -33.76 6.39
CA ARG B 258 17.95 -34.42 5.44
C ARG B 258 18.34 -33.47 4.32
N ALA B 259 19.55 -33.67 3.81
CA ALA B 259 20.09 -32.85 2.74
C ALA B 259 20.28 -33.70 1.48
N SER B 260 19.96 -33.11 0.34
CA SER B 260 20.14 -33.76 -0.96
C SER B 260 21.55 -33.59 -1.49
N PHE B 261 22.33 -32.71 -0.88
CA PHE B 261 23.59 -32.26 -1.45
C PHE B 261 24.67 -32.33 -0.38
ZN ZN C . -2.26 21.26 0.65
C10 O55 D . 1.57 24.23 0.70
C12 O55 D . 4.55 26.17 -2.83
C16 O55 D . 7.19 27.84 -1.55
C15 O55 D . 6.94 26.44 -2.12
C18 O55 D . 8.46 28.57 -3.48
C19 O55 D . 9.81 29.09 -2.94
C05 O55 D . 0.43 24.48 -0.05
C06 O55 D . 0.53 25.07 -1.29
C07 O55 D . 1.78 25.41 -1.79
C08 O55 D . 2.93 25.15 -1.06
C09 O55 D . 2.82 24.58 0.21
C20 O55 D . 10.77 29.46 -3.86
C22 O55 D . 11.99 29.92 -3.45
C23 O55 D . 12.28 30.01 -2.11
C25 O55 D . 11.33 29.62 -1.16
C26 O55 D . 10.10 29.17 -1.59
N01 O55 D . -1.13 22.61 1.42
N11 O55 D . 4.25 25.55 -1.53
N14 O55 D . 5.90 26.59 -3.12
N17 O55 D . 7.32 28.83 -2.60
O03 O55 D . -1.45 25.22 1.77
O04 O55 D . -2.31 24.07 -0.55
O13 O55 D . 3.73 26.32 -3.68
O21 O55 D . 10.50 29.38 -5.24
S02 O55 D . -1.20 24.10 0.63
BR1 O55 D . 14.02 30.65 -1.60
ZN ZN E . 2.90 -20.82 3.45
C10 O55 F . -0.81 -23.37 4.84
C12 O55 F . -4.59 -22.97 2.68
C16 O55 F . -6.60 -22.01 0.27
C15 O55 F . -6.59 -21.60 1.74
C18 O55 F . -8.36 -23.76 0.25
C19 O55 F . -7.28 -24.69 0.83
C05 O55 F . 0.05 -23.81 3.86
C06 O55 F . -0.41 -24.39 2.69
C07 O55 F . -1.78 -24.53 2.50
C08 O55 F . -2.63 -24.11 3.50
C09 O55 F . -2.15 -23.53 4.66
C20 O55 F . -7.37 -25.08 2.16
C22 O55 F . -6.39 -25.89 2.71
C23 O55 F . -5.34 -26.36 1.94
C25 O55 F . -5.26 -25.97 0.63
C26 O55 F . -6.22 -25.16 0.06
N01 O55 F . 2.08 -22.00 4.69
N11 O55 F . -4.07 -24.15 3.40
N14 O55 F . -6.02 -22.73 2.49
N17 O55 F . -7.92 -22.45 -0.22
O03 O55 F . 2.30 -24.55 5.31
O04 O55 F . 2.50 -23.82 2.69
O13 O55 F . -3.83 -22.17 2.25
O21 O55 F . -8.42 -24.61 2.97
S02 O55 F . 1.81 -23.58 4.13
BR1 O55 F . -3.96 -27.51 2.66
#